data_8FBH
#
_entry.id   8FBH
#
_cell.length_a   66.293
_cell.length_b   67.382
_cell.length_c   70.025
_cell.angle_alpha   90.000
_cell.angle_beta   90.000
_cell.angle_gamma   90.000
#
_symmetry.space_group_name_H-M   'P 21 21 21'
#
loop_
_entity.id
_entity.type
_entity.pdbx_description
1 polymer 'Histone-lysine N-methyltransferase, H3 lysine-36 specific'
2 non-polymer 'ZINC ION'
3 non-polymer S-ADENOSYLMETHIONINE
4 non-polymer 'SULFATE ION'
5 non-polymer 'UNKNOWN ATOM OR ION'
6 water water
#
_entity_poly.entity_id   1
_entity_poly.type   'polypeptide(L)'
_entity_poly.pdbx_seq_one_letter_code
;GKELRQLQEDRKNDKKPPPYKHIKVNRPIGRVQIFTADLSEIPRCNCKATDENPCGIDSECINRMLLYECHPTVCPAGGR
CQNQCFSKRQYPEVEIFRTLQRGWGLRTKTDIKKGEFVNEYVGELIDEEECRARIRYAQEHDITNFYMLTLDKDRIIDAG
PKGNYARFMNHCCQPNCEAQKWSVNGDTRVGLFALSDIKAGTELTFNYNLECLGNGKTVCKCGAPNCSGFLG
;
_entity_poly.pdbx_strand_id   A
#
loop_
_chem_comp.id
_chem_comp.type
_chem_comp.name
_chem_comp.formula
SAM non-polymer S-ADENOSYLMETHIONINE 'C15 H22 N6 O5 S'
SO4 non-polymer 'SULFATE ION' 'O4 S -2'
UNX non-polymer 'UNKNOWN ATOM OR ION' ?
ZN non-polymer 'ZINC ION' 'Zn 2'
#
# COMPACT_ATOMS: atom_id res chain seq x y z
N GLY A 1 29.71 14.85 1.19
CA GLY A 1 28.57 15.33 2.03
C GLY A 1 28.80 15.04 3.50
N LYS A 2 28.60 16.04 4.37
CA LYS A 2 28.62 15.90 5.85
C LYS A 2 27.24 15.38 6.31
N GLU A 3 26.21 15.59 5.47
CA GLU A 3 24.83 15.03 5.65
C GLU A 3 24.91 13.50 5.73
N LEU A 4 25.63 12.87 4.80
CA LEU A 4 25.84 11.39 4.73
C LEU A 4 26.49 10.89 6.02
N ARG A 5 27.64 11.47 6.41
CA ARG A 5 28.41 11.07 7.63
C ARG A 5 27.45 10.99 8.80
N GLN A 6 26.50 11.94 8.88
CA GLN A 6 25.44 12.02 9.93
C GLN A 6 24.58 10.75 9.86
N LEU A 7 24.08 10.39 8.66
CA LEU A 7 23.11 9.28 8.42
C LEU A 7 23.76 7.93 8.75
N GLN A 8 25.09 7.80 8.58
CA GLN A 8 25.86 6.56 8.93
C GLN A 8 25.82 6.35 10.44
N GLU A 9 26.08 7.41 11.23
CA GLU A 9 25.95 7.40 12.72
C GLU A 9 24.50 6.99 13.06
N ASP A 10 23.51 7.71 12.53
CA ASP A 10 22.05 7.53 12.78
C ASP A 10 21.65 6.04 12.62
N ARG A 11 22.00 5.42 11.47
CA ARG A 11 21.57 4.04 11.10
C ARG A 11 21.91 3.03 12.20
N LYS A 12 22.97 3.32 12.99
CA LYS A 12 23.49 2.46 14.08
C LYS A 12 22.68 2.68 15.39
N ASN A 13 22.23 3.92 15.65
CA ASN A 13 21.67 4.35 16.96
C ASN A 13 20.20 3.95 17.08
N ASP A 14 19.27 4.63 16.37
CA ASP A 14 17.80 4.39 16.43
C ASP A 14 17.51 2.88 16.28
N LYS A 15 16.98 2.23 17.34
CA LYS A 15 16.84 0.75 17.46
C LYS A 15 15.43 0.31 17.02
N LYS A 16 14.42 1.13 17.30
CA LYS A 16 13.01 0.93 16.90
C LYS A 16 12.52 2.18 16.15
N PRO A 17 11.61 2.05 15.16
CA PRO A 17 11.01 3.22 14.52
C PRO A 17 10.05 3.93 15.49
N PRO A 18 9.72 5.23 15.28
CA PRO A 18 8.72 5.89 16.11
C PRO A 18 7.46 5.03 16.20
N PRO A 19 6.72 5.08 17.34
CA PRO A 19 5.55 4.22 17.50
C PRO A 19 4.35 4.70 16.69
N TYR A 20 3.52 3.74 16.28
CA TYR A 20 2.24 3.97 15.56
C TYR A 20 1.26 2.91 16.06
N LYS A 21 -0.04 3.16 15.93
CA LYS A 21 -1.09 2.17 16.28
C LYS A 21 -1.30 1.24 15.08
N HIS A 22 -1.04 -0.07 15.24
CA HIS A 22 -1.13 -1.11 14.18
C HIS A 22 -2.59 -1.54 14.06
N ILE A 23 -3.25 -1.13 12.96
CA ILE A 23 -4.69 -1.41 12.63
C ILE A 23 -4.80 -2.33 11.41
N LYS A 24 -5.97 -2.91 11.21
CA LYS A 24 -6.24 -3.97 10.20
C LYS A 24 -7.00 -3.37 9.03
N VAL A 25 -7.81 -2.33 9.28
CA VAL A 25 -8.82 -1.82 8.32
C VAL A 25 -8.88 -0.29 8.43
N ASN A 26 -9.11 0.40 7.31
CA ASN A 26 -9.20 1.89 7.25
C ASN A 26 -10.18 2.40 8.33
N ARG A 27 -9.82 3.51 8.99
CA ARG A 27 -10.60 4.12 10.10
C ARG A 27 -10.98 5.55 9.76
N PRO A 28 -12.21 5.80 9.29
CA PRO A 28 -12.63 7.15 8.91
C PRO A 28 -12.68 8.14 10.10
N ILE A 29 -12.46 9.42 9.81
CA ILE A 29 -12.22 10.51 10.79
C ILE A 29 -13.12 11.70 10.43
N GLY A 30 -13.79 12.30 11.42
CA GLY A 30 -14.69 13.45 11.21
C GLY A 30 -15.82 13.13 10.24
N ARG A 31 -16.00 13.96 9.20
CA ARG A 31 -17.16 13.91 8.28
C ARG A 31 -16.98 12.80 7.22
N VAL A 32 -15.81 12.17 7.16
CA VAL A 32 -15.45 11.22 6.08
C VAL A 32 -16.40 10.01 6.12
N GLN A 33 -17.08 9.74 5.01
CA GLN A 33 -18.02 8.59 4.84
C GLN A 33 -17.28 7.39 4.20
N ILE A 34 -17.75 6.17 4.50
CA ILE A 34 -17.41 4.91 3.78
C ILE A 34 -18.71 4.40 3.13
N PHE A 35 -18.62 3.97 1.87
CA PHE A 35 -19.78 3.57 1.02
C PHE A 35 -19.94 2.05 1.01
N THR A 36 -21.16 1.61 0.73
CA THR A 36 -21.52 0.18 0.52
C THR A 36 -22.46 0.15 -0.66
N ALA A 37 -22.62 -1.03 -1.28
CA ALA A 37 -23.60 -1.29 -2.36
C ALA A 37 -24.43 -2.52 -1.99
N ASP A 38 -25.65 -2.65 -2.53
CA ASP A 38 -26.41 -3.92 -2.51
C ASP A 38 -25.54 -4.94 -3.27
N LEU A 39 -25.62 -6.20 -2.88
CA LEU A 39 -24.97 -7.35 -3.55
C LEU A 39 -25.16 -7.28 -5.08
N SER A 40 -26.33 -6.81 -5.53
CA SER A 40 -26.72 -6.70 -6.96
C SER A 40 -25.71 -5.84 -7.75
N GLU A 41 -24.95 -4.96 -7.08
CA GLU A 41 -23.93 -4.08 -7.76
C GLU A 41 -22.56 -4.75 -7.77
N ILE A 42 -22.46 -6.01 -7.37
CA ILE A 42 -21.19 -6.77 -7.41
C ILE A 42 -21.24 -7.76 -8.58
N PRO A 43 -20.29 -7.68 -9.53
CA PRO A 43 -20.36 -8.49 -10.74
C PRO A 43 -20.06 -9.95 -10.42
N ARG A 44 -20.71 -10.87 -11.15
CA ARG A 44 -20.41 -12.33 -11.17
C ARG A 44 -19.42 -12.60 -12.27
N CYS A 45 -18.30 -13.24 -11.95
CA CYS A 45 -17.18 -13.46 -12.89
C CYS A 45 -17.52 -14.67 -13.77
N ASN A 46 -16.57 -15.05 -14.65
CA ASN A 46 -16.69 -16.14 -15.64
C ASN A 46 -16.07 -17.43 -15.09
N CYS A 47 -15.55 -17.43 -13.87
CA CYS A 47 -14.90 -18.63 -13.25
C CYS A 47 -15.96 -19.64 -12.80
N LYS A 48 -15.56 -20.92 -12.71
CA LYS A 48 -16.43 -22.06 -12.27
C LYS A 48 -15.75 -22.81 -11.12
N ALA A 49 -16.52 -23.40 -10.22
CA ALA A 49 -15.97 -24.21 -9.10
C ALA A 49 -15.01 -25.29 -9.62
N THR A 50 -15.30 -25.90 -10.78
CA THR A 50 -14.51 -27.01 -11.38
C THR A 50 -13.18 -26.53 -11.96
N ASP A 51 -12.96 -25.22 -12.13
CA ASP A 51 -11.69 -24.68 -12.72
C ASP A 51 -10.55 -25.10 -11.77
N GLU A 52 -9.30 -25.04 -12.23
CA GLU A 52 -8.11 -25.51 -11.47
C GLU A 52 -7.83 -24.57 -10.28
N ASN A 53 -7.86 -23.24 -10.52
CA ASN A 53 -7.70 -22.17 -9.50
C ASN A 53 -8.74 -21.09 -9.74
N PRO A 54 -10.00 -21.33 -9.34
CA PRO A 54 -11.06 -20.36 -9.55
C PRO A 54 -10.66 -18.97 -9.03
N CYS A 55 -10.71 -17.96 -9.91
CA CYS A 55 -10.51 -16.52 -9.60
C CYS A 55 -9.03 -16.27 -9.15
N GLY A 56 -8.11 -17.15 -9.50
CA GLY A 56 -6.69 -17.03 -9.12
C GLY A 56 -5.92 -16.06 -10.01
N ILE A 57 -4.69 -15.73 -9.58
CA ILE A 57 -3.74 -14.78 -10.23
C ILE A 57 -3.61 -15.12 -11.73
N ASP A 58 -3.64 -16.41 -12.09
CA ASP A 58 -3.38 -16.90 -13.47
C ASP A 58 -4.67 -17.39 -14.15
N SER A 59 -5.85 -17.21 -13.54
CA SER A 59 -7.16 -17.57 -14.18
C SER A 59 -7.60 -16.49 -15.17
N GLU A 60 -8.71 -16.74 -15.86
CA GLU A 60 -9.33 -15.86 -16.87
C GLU A 60 -10.29 -14.87 -16.20
N CYS A 61 -10.30 -14.85 -14.86
CA CYS A 61 -11.32 -14.14 -14.01
C CYS A 61 -11.45 -12.66 -14.40
N ILE A 62 -12.65 -12.26 -14.88
CA ILE A 62 -12.94 -10.86 -15.29
C ILE A 62 -12.97 -9.94 -14.06
N ASN A 63 -13.37 -10.42 -12.88
CA ASN A 63 -13.38 -9.56 -11.67
C ASN A 63 -11.93 -9.12 -11.39
N ARG A 64 -11.00 -10.06 -11.29
CA ARG A 64 -9.58 -9.79 -10.97
C ARG A 64 -9.01 -8.92 -12.11
N MET A 65 -9.39 -9.19 -13.36
CA MET A 65 -8.91 -8.45 -14.55
C MET A 65 -9.30 -6.97 -14.44
N LEU A 66 -10.50 -6.67 -13.92
CA LEU A 66 -11.06 -5.29 -13.79
C LEU A 66 -10.91 -4.75 -12.36
N LEU A 67 -10.10 -5.40 -11.51
CA LEU A 67 -9.77 -4.96 -10.11
C LEU A 67 -11.06 -4.86 -9.29
N TYR A 68 -11.94 -5.84 -9.40
CA TYR A 68 -13.07 -6.12 -8.47
C TYR A 68 -12.74 -7.38 -7.68
N GLU A 69 -12.80 -7.29 -6.36
CA GLU A 69 -12.82 -8.45 -5.44
C GLU A 69 -14.20 -9.14 -5.54
N CYS A 70 -14.23 -10.46 -5.54
CA CYS A 70 -15.48 -11.26 -5.49
C CYS A 70 -16.12 -11.14 -4.10
N HIS A 71 -17.44 -11.22 -4.05
CA HIS A 71 -18.21 -11.45 -2.79
C HIS A 71 -18.46 -12.95 -2.64
N PRO A 72 -18.20 -13.56 -1.46
CA PRO A 72 -18.29 -15.02 -1.30
C PRO A 72 -19.72 -15.59 -1.39
N THR A 73 -20.77 -14.77 -1.23
CA THR A 73 -22.16 -15.24 -1.39
C THR A 73 -22.64 -14.97 -2.82
N VAL A 74 -21.78 -14.47 -3.71
CA VAL A 74 -22.17 -14.08 -5.12
C VAL A 74 -21.30 -14.83 -6.14
N CYS A 75 -20.02 -15.05 -5.86
CA CYS A 75 -19.08 -15.68 -6.80
C CYS A 75 -19.54 -17.12 -7.10
N PRO A 76 -19.70 -17.48 -8.39
CA PRO A 76 -20.10 -18.83 -8.77
C PRO A 76 -19.14 -19.93 -8.33
N ALA A 77 -17.88 -19.58 -8.07
CA ALA A 77 -16.84 -20.53 -7.59
C ALA A 77 -17.01 -20.80 -6.08
N GLY A 78 -17.85 -20.01 -5.40
CA GLY A 78 -18.13 -20.14 -3.95
C GLY A 78 -16.86 -20.02 -3.11
N GLY A 79 -16.73 -20.87 -2.07
CA GLY A 79 -15.58 -20.90 -1.15
C GLY A 79 -14.29 -21.26 -1.87
N ARG A 80 -14.34 -21.74 -3.10
CA ARG A 80 -13.13 -22.07 -3.91
C ARG A 80 -12.53 -20.78 -4.52
N CYS A 81 -13.23 -19.63 -4.38
CA CYS A 81 -12.83 -18.27 -4.87
C CYS A 81 -11.47 -17.86 -4.29
N GLN A 82 -10.45 -17.65 -5.15
CA GLN A 82 -9.09 -17.17 -4.76
C GLN A 82 -8.95 -15.64 -5.00
N ASN A 83 -10.07 -14.90 -5.02
CA ASN A 83 -10.11 -13.45 -5.31
C ASN A 83 -10.80 -12.72 -4.15
N GLN A 84 -10.37 -12.98 -2.89
CA GLN A 84 -10.93 -12.34 -1.68
C GLN A 84 -9.79 -11.86 -0.76
N CYS A 85 -8.72 -11.30 -1.35
CA CYS A 85 -7.40 -11.10 -0.71
C CYS A 85 -7.48 -9.93 0.27
N PHE A 86 -8.20 -8.88 -0.09
CA PHE A 86 -8.37 -7.70 0.77
C PHE A 86 -9.14 -8.12 2.01
N SER A 87 -10.30 -8.70 1.84
CA SER A 87 -11.15 -9.18 2.96
C SER A 87 -10.38 -10.16 3.85
N LYS A 88 -9.62 -11.10 3.29
CA LYS A 88 -9.00 -12.19 4.09
C LYS A 88 -7.69 -11.74 4.77
N ARG A 89 -7.01 -10.71 4.26
CA ARG A 89 -5.77 -10.11 4.86
C ARG A 89 -4.67 -11.16 5.01
N GLN A 90 -4.44 -11.98 3.99
CA GLN A 90 -3.29 -12.92 3.95
C GLN A 90 -2.16 -12.20 3.21
N TYR A 91 -1.15 -11.74 3.95
CA TYR A 91 -0.03 -10.94 3.45
C TYR A 91 1.20 -11.83 3.45
N PRO A 92 2.12 -11.75 2.47
CA PRO A 92 3.44 -12.32 2.66
C PRO A 92 4.10 -11.78 3.94
N GLU A 93 4.80 -12.65 4.67
CA GLU A 93 5.63 -12.30 5.87
C GLU A 93 6.69 -11.26 5.49
N VAL A 94 6.83 -10.22 6.30
CA VAL A 94 7.69 -9.03 6.05
C VAL A 94 8.36 -8.61 7.39
N GLU A 95 9.41 -7.82 7.30
CA GLU A 95 10.06 -7.26 8.50
C GLU A 95 10.59 -5.88 8.15
N ILE A 96 10.63 -5.02 9.14
CA ILE A 96 11.15 -3.63 9.08
C ILE A 96 12.68 -3.71 9.21
N PHE A 97 13.41 -2.87 8.51
CA PHE A 97 14.87 -2.75 8.64
C PHE A 97 15.23 -1.28 8.36
N ARG A 98 16.42 -0.86 8.80
CA ARG A 98 16.86 0.54 8.70
C ARG A 98 17.74 0.65 7.45
N THR A 99 17.35 1.50 6.49
CA THR A 99 18.15 1.90 5.30
C THR A 99 19.10 3.01 5.71
N LEU A 100 19.91 3.48 4.79
CA LEU A 100 20.87 4.57 5.09
C LEU A 100 20.20 5.93 4.87
N GLN A 101 19.58 6.11 3.69
CA GLN A 101 19.15 7.41 3.12
C GLN A 101 17.62 7.55 3.07
N ARG A 102 16.85 6.50 3.39
CA ARG A 102 15.39 6.44 3.14
C ARG A 102 14.69 5.96 4.41
N GLY A 103 15.26 6.25 5.57
CA GLY A 103 14.67 5.89 6.88
C GLY A 103 14.51 4.39 7.03
N TRP A 104 13.39 3.96 7.63
CA TRP A 104 13.02 2.53 7.78
C TRP A 104 12.37 2.05 6.48
N GLY A 105 12.65 0.80 6.08
CA GLY A 105 12.09 0.19 4.87
C GLY A 105 11.42 -1.11 5.23
N LEU A 106 10.90 -1.85 4.26
CA LEU A 106 10.24 -3.15 4.52
C LEU A 106 10.86 -4.20 3.60
N ARG A 107 11.19 -5.38 4.14
CA ARG A 107 11.74 -6.50 3.32
C ARG A 107 10.90 -7.76 3.61
N THR A 108 10.68 -8.54 2.57
CA THR A 108 9.90 -9.80 2.62
C THR A 108 10.80 -10.86 3.27
N LYS A 109 10.19 -11.76 4.05
CA LYS A 109 10.88 -12.93 4.65
C LYS A 109 10.60 -14.19 3.83
N THR A 110 9.88 -14.05 2.72
CA THR A 110 9.49 -15.19 1.85
C THR A 110 9.55 -14.74 0.39
N ASP A 111 9.68 -15.71 -0.51
CA ASP A 111 9.52 -15.57 -1.97
C ASP A 111 8.09 -15.09 -2.26
N ILE A 112 7.93 -14.26 -3.29
CA ILE A 112 6.64 -13.69 -3.74
C ILE A 112 6.56 -13.86 -5.26
N LYS A 113 5.46 -14.41 -5.76
CA LYS A 113 5.22 -14.59 -7.21
C LYS A 113 4.77 -13.25 -7.81
N LYS A 114 5.17 -12.96 -9.05
CA LYS A 114 4.53 -11.96 -9.93
C LYS A 114 3.00 -12.00 -9.76
N GLY A 115 2.37 -10.85 -9.49
CA GLY A 115 0.91 -10.66 -9.48
C GLY A 115 0.29 -10.88 -8.11
N GLU A 116 1.07 -11.42 -7.18
CA GLU A 116 0.62 -11.80 -5.83
C GLU A 116 0.22 -10.51 -5.09
N PHE A 117 -0.86 -10.59 -4.32
CA PHE A 117 -1.26 -9.57 -3.34
C PHE A 117 -0.21 -9.57 -2.23
N VAL A 118 0.33 -8.38 -1.95
CA VAL A 118 1.45 -8.18 -0.99
C VAL A 118 0.92 -7.55 0.30
N ASN A 119 -0.01 -6.59 0.19
CA ASN A 119 -0.51 -5.82 1.34
C ASN A 119 -1.63 -4.86 0.86
N GLU A 120 -2.42 -4.33 1.81
CA GLU A 120 -3.31 -3.17 1.59
C GLU A 120 -2.73 -1.94 2.28
N TYR A 121 -2.78 -0.79 1.62
CA TYR A 121 -2.35 0.48 2.23
C TYR A 121 -3.49 0.99 3.12
N VAL A 122 -3.32 0.82 4.43
CA VAL A 122 -4.35 1.02 5.48
C VAL A 122 -3.92 2.20 6.37
N GLY A 123 -4.86 3.05 6.77
CA GLY A 123 -4.58 4.13 7.73
C GLY A 123 -5.85 4.81 8.20
N GLU A 124 -5.72 6.00 8.76
CA GLU A 124 -6.87 6.88 9.01
C GLU A 124 -7.35 7.42 7.66
N LEU A 125 -8.66 7.46 7.44
CA LEU A 125 -9.29 8.07 6.24
C LEU A 125 -9.76 9.49 6.60
N ILE A 126 -9.05 10.51 6.11
CA ILE A 126 -9.17 11.94 6.56
C ILE A 126 -9.57 12.78 5.36
N ASP A 127 -10.03 14.02 5.59
CA ASP A 127 -10.44 14.92 4.49
C ASP A 127 -9.29 15.88 4.18
N GLU A 128 -9.46 16.74 3.17
CA GLU A 128 -8.44 17.71 2.70
C GLU A 128 -8.08 18.68 3.82
N GLU A 129 -9.07 19.11 4.62
CA GLU A 129 -8.87 20.10 5.72
C GLU A 129 -7.97 19.49 6.80
N GLU A 130 -8.23 18.24 7.20
CA GLU A 130 -7.40 17.47 8.16
C GLU A 130 -6.04 17.13 7.53
N CYS A 131 -5.99 16.81 6.23
CA CYS A 131 -4.72 16.55 5.50
C CYS A 131 -3.84 17.80 5.54
N ARG A 132 -4.39 18.97 5.15
N ARG A 132 -4.45 18.96 5.20
CA ARG A 132 -3.60 20.23 5.14
CA ARG A 132 -3.79 20.29 5.12
C ARG A 132 -3.06 20.47 6.56
C ARG A 132 -3.19 20.67 6.50
N ALA A 133 -3.91 20.39 7.60
CA ALA A 133 -3.49 20.61 9.00
C ALA A 133 -2.27 19.76 9.31
N ARG A 134 -2.35 18.45 9.06
CA ARG A 134 -1.25 17.50 9.43
C ARG A 134 0.04 17.84 8.66
N ILE A 135 -0.07 18.38 7.45
CA ILE A 135 1.12 18.68 6.60
C ILE A 135 1.74 20.00 7.08
N ARG A 136 0.91 20.98 7.43
CA ARG A 136 1.33 22.23 8.11
C ARG A 136 2.11 21.88 9.40
N TYR A 137 1.50 21.11 10.30
CA TYR A 137 2.16 20.64 11.55
C TYR A 137 3.58 20.14 11.22
N ALA A 138 3.70 19.21 10.28
CA ALA A 138 4.95 18.48 9.95
C ALA A 138 5.99 19.45 9.36
N GLN A 139 5.55 20.42 8.56
CA GLN A 139 6.46 21.47 8.00
C GLN A 139 7.03 22.31 9.16
N GLU A 140 6.18 22.71 10.11
CA GLU A 140 6.54 23.62 11.24
C GLU A 140 7.51 22.89 12.18
N HIS A 141 7.58 21.56 12.11
CA HIS A 141 8.38 20.70 13.04
C HIS A 141 9.49 19.96 12.29
N ASP A 142 9.87 20.45 11.11
CA ASP A 142 10.94 19.85 10.24
C ASP A 142 10.79 18.32 10.16
N ILE A 143 9.56 17.81 9.96
CA ILE A 143 9.23 16.37 9.70
C ILE A 143 9.07 16.16 8.19
N THR A 144 9.80 15.19 7.61
CA THR A 144 9.83 14.93 6.14
C THR A 144 9.26 13.54 5.80
N ASN A 145 8.84 12.78 6.81
CA ASN A 145 8.13 11.48 6.61
C ASN A 145 6.63 11.74 6.50
N PHE A 146 6.06 11.46 5.32
CA PHE A 146 4.61 11.54 5.03
C PHE A 146 4.07 10.17 4.63
N TYR A 147 2.82 9.91 4.94
CA TYR A 147 2.19 8.57 4.78
C TYR A 147 0.83 8.72 4.10
N MET A 148 0.63 9.85 3.45
CA MET A 148 -0.69 10.20 2.89
C MET A 148 -0.76 9.80 1.40
N LEU A 149 -1.83 9.10 1.07
CA LEU A 149 -2.17 8.59 -0.27
C LEU A 149 -3.67 8.83 -0.50
N THR A 150 -4.04 9.53 -1.57
CA THR A 150 -5.45 9.87 -1.92
C THR A 150 -6.21 8.62 -2.38
N LEU A 151 -7.30 8.28 -1.70
CA LEU A 151 -8.22 7.20 -2.11
C LEU A 151 -9.15 7.78 -3.18
N ASP A 152 -9.79 8.92 -2.89
CA ASP A 152 -10.58 9.72 -3.88
C ASP A 152 -10.90 11.10 -3.28
N LYS A 153 -11.55 11.96 -4.06
CA LYS A 153 -11.80 13.38 -3.72
C LYS A 153 -12.23 13.50 -2.25
N ASP A 154 -11.38 14.06 -1.39
CA ASP A 154 -11.72 14.45 -0.01
C ASP A 154 -11.68 13.21 0.89
N ARG A 155 -11.07 12.10 0.41
CA ARG A 155 -10.78 10.92 1.25
C ARG A 155 -9.31 10.50 1.06
N ILE A 156 -8.49 10.76 2.07
CA ILE A 156 -7.01 10.58 2.07
C ILE A 156 -6.62 9.56 3.14
N ILE A 157 -5.88 8.54 2.77
CA ILE A 157 -5.33 7.56 3.73
C ILE A 157 -4.04 8.16 4.30
N ASP A 158 -3.99 8.27 5.61
CA ASP A 158 -2.77 8.62 6.39
C ASP A 158 -2.36 7.39 7.19
N ALA A 159 -1.36 6.66 6.72
CA ALA A 159 -0.83 5.46 7.44
C ALA A 159 0.14 5.86 8.56
N GLY A 160 0.26 7.16 8.86
CA GLY A 160 1.21 7.74 9.83
C GLY A 160 0.83 7.44 11.27
N PRO A 161 -0.21 8.11 11.85
CA PRO A 161 -0.67 7.80 13.21
C PRO A 161 -1.06 6.33 13.40
N LYS A 162 -1.77 5.79 12.41
CA LYS A 162 -2.29 4.40 12.44
C LYS A 162 -2.11 3.76 11.06
N GLY A 163 -1.77 2.47 11.02
CA GLY A 163 -1.58 1.76 9.75
C GLY A 163 -1.04 0.38 9.96
N ASN A 164 -0.53 -0.23 8.90
CA ASN A 164 0.02 -1.60 8.91
C ASN A 164 1.42 -1.53 8.30
N TYR A 165 2.01 -2.65 7.89
CA TYR A 165 3.42 -2.69 7.43
C TYR A 165 3.56 -1.88 6.14
N ALA A 166 2.52 -1.81 5.30
CA ALA A 166 2.58 -1.14 4.00
C ALA A 166 3.14 0.26 4.17
N ARG A 167 3.01 0.86 5.35
CA ARG A 167 3.44 2.26 5.60
C ARG A 167 4.98 2.36 5.56
N PHE A 168 5.69 1.24 5.59
CA PHE A 168 7.18 1.22 5.68
C PHE A 168 7.79 1.01 4.27
N MET A 169 6.95 0.93 3.23
CA MET A 169 7.41 0.62 1.84
C MET A 169 7.85 1.92 1.14
N ASN A 170 9.12 1.99 0.78
CA ASN A 170 9.74 3.22 0.21
C ASN A 170 9.40 3.35 -1.29
N HIS A 171 9.53 4.55 -1.83
CA HIS A 171 9.37 4.80 -3.28
C HIS A 171 10.62 4.27 -3.98
N CYS A 172 10.46 3.70 -5.15
CA CYS A 172 11.56 3.44 -6.06
C CYS A 172 11.09 3.75 -7.46
N CYS A 173 12.02 4.22 -8.32
CA CYS A 173 11.77 4.47 -9.76
C CYS A 173 11.96 3.16 -10.54
N GLN A 174 12.57 2.15 -9.92
CA GLN A 174 12.64 0.76 -10.44
C GLN A 174 12.04 -0.19 -9.41
N PRO A 175 10.72 -0.09 -9.19
CA PRO A 175 10.06 -0.74 -8.06
C PRO A 175 9.77 -2.22 -8.34
N ASN A 176 9.46 -2.99 -7.32
CA ASN A 176 9.06 -4.41 -7.51
C ASN A 176 7.60 -4.66 -7.11
N CYS A 177 6.88 -3.62 -6.65
CA CYS A 177 5.42 -3.68 -6.34
C CYS A 177 4.69 -2.49 -6.95
N GLU A 178 3.37 -2.58 -7.11
CA GLU A 178 2.57 -1.47 -7.67
C GLU A 178 1.30 -1.26 -6.82
N ALA A 179 0.97 0.01 -6.62
CA ALA A 179 -0.28 0.43 -5.94
C ALA A 179 -1.41 0.35 -6.95
N GLN A 180 -2.53 -0.30 -6.61
CA GLN A 180 -3.74 -0.38 -7.46
C GLN A 180 -4.98 -0.09 -6.60
N LYS A 181 -5.96 0.62 -7.18
CA LYS A 181 -7.28 0.89 -6.57
C LYS A 181 -8.21 -0.25 -7.00
N TRP A 182 -8.72 -1.02 -6.04
CA TRP A 182 -9.69 -2.11 -6.26
C TRP A 182 -11.05 -1.67 -5.73
N SER A 183 -12.11 -2.18 -6.34
CA SER A 183 -13.49 -2.13 -5.79
C SER A 183 -13.75 -3.34 -4.88
N VAL A 184 -13.99 -3.11 -3.60
CA VAL A 184 -14.23 -4.17 -2.57
C VAL A 184 -15.54 -3.89 -1.85
N ASN A 185 -16.52 -4.79 -2.01
CA ASN A 185 -17.82 -4.72 -1.28
C ASN A 185 -18.39 -3.30 -1.42
N GLY A 186 -18.30 -2.73 -2.61
CA GLY A 186 -18.90 -1.43 -2.99
C GLY A 186 -18.10 -0.21 -2.54
N ASP A 187 -16.84 -0.34 -2.12
CA ASP A 187 -15.98 0.87 -1.95
C ASP A 187 -14.56 0.59 -2.42
N THR A 188 -13.76 1.65 -2.54
CA THR A 188 -12.37 1.62 -3.08
C THR A 188 -11.37 1.27 -1.97
N ARG A 189 -10.35 0.49 -2.31
CA ARG A 189 -9.26 0.14 -1.39
C ARG A 189 -7.95 0.16 -2.18
N VAL A 190 -6.83 0.46 -1.53
CA VAL A 190 -5.52 0.49 -2.21
C VAL A 190 -4.74 -0.77 -1.86
N GLY A 191 -4.42 -1.56 -2.88
CA GLY A 191 -3.63 -2.79 -2.75
C GLY A 191 -2.25 -2.60 -3.34
N LEU A 192 -1.30 -3.39 -2.85
CA LEU A 192 0.07 -3.52 -3.41
C LEU A 192 0.25 -4.94 -3.90
N PHE A 193 0.79 -5.06 -5.11
CA PHE A 193 0.89 -6.30 -5.92
C PHE A 193 2.33 -6.38 -6.45
N ALA A 194 2.94 -7.56 -6.48
CA ALA A 194 4.30 -7.76 -7.01
C ALA A 194 4.29 -7.60 -8.54
N LEU A 195 5.19 -6.78 -9.10
CA LEU A 195 5.42 -6.62 -10.56
C LEU A 195 6.22 -7.83 -11.10
N SER A 196 6.95 -8.53 -10.24
CA SER A 196 7.85 -9.63 -10.63
C SER A 196 8.02 -10.58 -9.46
N ASP A 197 8.64 -11.73 -9.72
CA ASP A 197 9.13 -12.67 -8.68
C ASP A 197 10.11 -11.90 -7.77
N ILE A 198 9.94 -11.97 -6.45
CA ILE A 198 10.81 -11.26 -5.46
C ILE A 198 11.37 -12.33 -4.54
N LYS A 199 12.67 -12.31 -4.28
CA LYS A 199 13.35 -13.31 -3.40
C LYS A 199 13.24 -12.87 -1.93
N ALA A 200 13.10 -13.82 -1.01
CA ALA A 200 13.27 -13.60 0.44
C ALA A 200 14.49 -12.69 0.66
N GLY A 201 14.38 -11.69 1.51
CA GLY A 201 15.47 -10.78 1.90
C GLY A 201 15.46 -9.45 1.14
N THR A 202 14.75 -9.38 0.02
CA THR A 202 14.67 -8.17 -0.83
C THR A 202 13.73 -7.11 -0.23
N GLU A 203 14.12 -5.83 -0.32
CA GLU A 203 13.25 -4.66 0.02
C GLU A 203 12.06 -4.57 -0.93
N LEU A 204 10.90 -4.19 -0.40
CA LEU A 204 9.65 -4.00 -1.19
C LEU A 204 9.43 -2.50 -1.41
N THR A 205 9.24 -2.11 -2.67
CA THR A 205 9.12 -0.69 -3.09
C THR A 205 7.95 -0.55 -4.07
N PHE A 206 7.41 0.64 -4.24
CA PHE A 206 6.41 0.94 -5.29
C PHE A 206 6.68 2.35 -5.81
N ASN A 207 6.23 2.61 -7.03
CA ASN A 207 6.29 3.97 -7.60
C ASN A 207 5.18 4.73 -6.90
N TYR A 208 5.52 5.69 -6.03
CA TYR A 208 4.52 6.57 -5.35
C TYR A 208 3.68 7.29 -6.40
N ASN A 209 4.27 7.56 -7.56
CA ASN A 209 3.55 8.21 -8.68
C ASN A 209 3.18 9.63 -8.23
N LEU A 210 4.05 10.29 -7.45
CA LEU A 210 3.80 11.63 -6.87
C LEU A 210 2.44 11.66 -6.12
N GLU A 211 1.95 10.53 -5.60
CA GLU A 211 0.69 10.51 -4.80
C GLU A 211 0.99 10.69 -3.30
N CYS A 212 2.24 10.56 -2.85
CA CYS A 212 2.59 10.75 -1.41
C CYS A 212 2.52 12.25 -1.08
N LEU A 213 1.41 12.68 -0.48
CA LEU A 213 1.07 14.11 -0.29
C LEU A 213 2.04 14.71 0.73
N GLY A 214 2.75 15.75 0.31
CA GLY A 214 3.77 16.47 1.08
C GLY A 214 5.16 16.21 0.54
N ASN A 215 5.34 15.21 -0.32
CA ASN A 215 6.68 14.84 -0.83
C ASN A 215 6.95 15.51 -2.20
N GLY A 216 6.19 16.55 -2.57
CA GLY A 216 6.19 17.13 -3.92
C GLY A 216 7.53 17.71 -4.33
N LYS A 217 8.35 18.12 -3.37
CA LYS A 217 9.68 18.76 -3.59
C LYS A 217 10.81 17.73 -3.41
N THR A 218 10.52 16.50 -2.99
CA THR A 218 11.53 15.61 -2.34
C THR A 218 12.46 15.00 -3.39
N VAL A 219 13.75 14.96 -3.09
CA VAL A 219 14.75 14.37 -4.01
C VAL A 219 14.74 12.86 -3.78
N CYS A 220 14.64 12.10 -4.85
CA CYS A 220 14.60 10.63 -4.76
C CYS A 220 16.02 10.12 -4.49
N LYS A 221 16.16 9.17 -3.57
CA LYS A 221 17.44 8.49 -3.26
C LYS A 221 17.35 7.01 -3.63
N CYS A 222 16.48 6.61 -4.55
CA CYS A 222 16.25 5.16 -4.84
C CYS A 222 17.52 4.56 -5.45
N GLY A 223 18.36 5.36 -6.11
CA GLY A 223 19.67 4.94 -6.66
C GLY A 223 19.55 4.08 -7.93
N ALA A 224 18.42 4.12 -8.64
CA ALA A 224 18.21 3.34 -9.88
C ALA A 224 18.82 4.10 -11.06
N PRO A 225 19.29 3.39 -12.13
CA PRO A 225 19.84 4.07 -13.31
C PRO A 225 18.87 5.08 -13.95
N ASN A 226 17.56 4.79 -13.97
CA ASN A 226 16.51 5.61 -14.64
C ASN A 226 15.75 6.50 -13.62
N CYS A 227 16.34 6.81 -12.47
CA CYS A 227 15.70 7.62 -11.38
C CYS A 227 15.25 8.96 -11.96
N SER A 228 13.99 9.32 -11.73
CA SER A 228 13.38 10.61 -12.18
C SER A 228 13.95 11.81 -11.40
N GLY A 229 14.58 11.55 -10.24
CA GLY A 229 14.95 12.61 -9.27
C GLY A 229 13.86 12.92 -8.23
N PHE A 230 12.63 12.42 -8.39
CA PHE A 230 11.47 12.76 -7.54
C PHE A 230 10.66 11.49 -7.18
N LEU A 231 9.74 11.62 -6.23
CA LEU A 231 8.97 10.43 -5.73
C LEU A 231 7.83 10.15 -6.71
N GLY A 232 8.19 9.97 -8.00
CA GLY A 232 7.23 9.68 -9.09
C GLY A 232 7.88 9.29 -10.41
ZN ZN B . 14.33 7.41 -7.88
ZN ZN C . -13.53 -15.42 -11.02
ZN ZN D . -14.47 -15.28 -7.39
N SAM E . 10.99 5.46 5.08
CA SAM E . 9.70 5.68 5.77
C SAM E . 9.89 5.61 7.30
O SAM E . 11.07 5.70 7.75
OXT SAM E . 8.87 5.48 8.01
CB SAM E . 8.68 4.66 5.27
CG SAM E . 8.01 5.06 3.96
SD SAM E . 6.89 6.47 4.27
CE SAM E . 5.36 5.87 3.58
C5' SAM E . 7.39 7.64 2.99
C4' SAM E . 8.54 8.55 3.37
O4' SAM E . 9.80 7.84 3.23
C3' SAM E . 8.68 9.78 2.48
O3' SAM E . 7.85 10.84 2.96
C2' SAM E . 10.18 10.07 2.58
O2' SAM E . 10.53 10.79 3.74
C1' SAM E . 10.78 8.66 2.63
N9 SAM E . 11.13 8.08 1.33
C8 SAM E . 10.54 6.99 0.75
N7 SAM E . 11.06 6.65 -0.40
C5 SAM E . 12.08 7.58 -0.60
C6 SAM E . 13.01 7.75 -1.65
N6 SAM E . 13.08 6.97 -2.72
N1 SAM E . 13.87 8.78 -1.55
C2 SAM E . 13.80 9.57 -0.47
N3 SAM E . 13.01 9.48 0.59
C4 SAM E . 12.14 8.45 0.46
S SO4 F . 20.10 3.47 0.88
O1 SO4 F . 21.02 4.20 1.68
O2 SO4 F . 20.61 3.41 -0.46
O3 SO4 F . 19.95 2.11 1.43
O4 SO4 F . 18.83 4.15 0.88
UNK UNX G . -6.58 -10.85 11.23
UNK UNX H . -2.75 5.14 -5.62
UNK UNX I . -8.41 -2.96 13.74
#